data_7XC0
#
_entry.id   7XC0
#
_cell.length_a   56.460
_cell.length_b   56.460
_cell.length_c   80.447
_cell.angle_alpha   90.000
_cell.angle_beta   90.000
_cell.angle_gamma   120.000
#
_symmetry.space_group_name_H-M   'P 32'
#
loop_
_entity.id
_entity.type
_entity.pdbx_description
1 polymer 'Receptor-type tyrosine-protein phosphatase H'
2 non-polymer 'PHOSPHATE ION'
3 water water
#
_entity_poly.entity_id   1
_entity_poly.type   'polypeptide(L)'
_entity_poly.pdbx_seq_one_letter_code
;GPGDIPAEDFADHVRKNERDSNAGFADEYQQLSLVGHSQSQMVASASENNAKNRYRNVLPYDWSRVPLKPIHEEPGSDYI
NASFMPGLWSPQEFIATQGPLPQTVGDFWRLVWEQQSHTLVMLTNCMEAGRVKCEHYWPLDSQPCTHGHLRVTLVGEEVM
ENWTVRELLLLQVEEQKTLSVRQFHYQAWPDHGVPSSPDTLLAFWRMLRQWLDQTMEGGPPIVHSSAGVGRTGTLIALDV
LLRQLQSEGLLGPFSFVRKMRESRPLMVQTEAQYVFLHQCILRFLQQSAQA
;
_entity_poly.pdbx_strand_id   A
#
# COMPACT_ATOMS: atom_id res chain seq x y z
N PRO A 2 -2.87 -7.47 24.70
CA PRO A 2 -2.80 -8.54 23.69
C PRO A 2 -1.46 -8.51 22.94
N GLY A 3 -0.36 -8.63 23.68
CA GLY A 3 0.95 -8.43 23.13
C GLY A 3 1.31 -6.98 22.86
N ASP A 4 0.37 -6.06 22.98
CA ASP A 4 0.63 -4.65 22.73
C ASP A 4 1.65 -4.11 23.74
N ILE A 5 2.47 -3.19 23.27
CA ILE A 5 3.48 -2.54 24.10
C ILE A 5 2.97 -1.18 24.51
N PRO A 6 2.96 -0.84 25.80
CA PRO A 6 2.63 0.54 26.20
C PRO A 6 3.62 1.51 25.57
N ALA A 7 3.11 2.69 25.20
CA ALA A 7 3.93 3.70 24.53
C ALA A 7 5.23 3.95 25.27
N GLU A 8 5.16 4.06 26.60
CA GLU A 8 6.34 4.35 27.41
C GLU A 8 7.37 3.22 27.36
N ASP A 9 6.98 2.02 26.94
CA ASP A 9 7.87 0.87 26.93
C ASP A 9 8.46 0.57 25.56
N PHE A 10 8.05 1.31 24.52
CA PHE A 10 8.41 0.93 23.16
C PHE A 10 9.89 1.14 22.88
N ALA A 11 10.49 2.20 23.42
CA ALA A 11 11.89 2.48 23.15
C ALA A 11 12.79 1.36 23.66
N ASP A 12 12.47 0.82 24.83
CA ASP A 12 13.24 -0.31 25.36
C ASP A 12 13.04 -1.57 24.52
N HIS A 13 11.80 -1.82 24.09
CA HIS A 13 11.53 -2.99 23.25
C HIS A 13 12.36 -2.97 21.99
N VAL A 14 12.44 -1.80 21.33
CA VAL A 14 13.20 -1.70 20.09
C VAL A 14 14.67 -1.99 20.35
N ARG A 15 15.22 -1.45 21.43
CA ARG A 15 16.63 -1.65 21.73
C ARG A 15 16.95 -3.11 22.04
N LYS A 16 16.02 -3.79 22.71
CA LYS A 16 16.24 -5.21 23.00
C LYS A 16 16.27 -6.04 21.72
N ASN A 17 15.42 -5.71 20.76
CA ASN A 17 15.37 -6.47 19.51
C ASN A 17 16.51 -6.11 18.56
N GLU A 18 17.17 -4.98 18.78
CA GLU A 18 18.29 -4.59 17.92
C GLU A 18 19.60 -5.26 18.31
N ARG A 19 19.70 -5.75 19.55
CA ARG A 19 20.93 -6.36 20.03
C ARG A 19 21.38 -7.50 19.13
N ASP A 20 22.70 -7.69 19.05
CA ASP A 20 23.32 -8.79 18.31
C ASP A 20 22.93 -8.75 16.83
N SER A 21 23.01 -7.57 16.24
CA SER A 21 22.65 -7.34 14.83
C SER A 21 21.20 -7.73 14.57
N ASN A 22 20.30 -7.17 15.39
CA ASN A 22 18.86 -7.36 15.24
C ASN A 22 18.46 -8.83 15.43
N ALA A 23 19.02 -9.46 16.46
CA ALA A 23 18.70 -10.86 16.72
C ALA A 23 17.24 -11.04 17.09
N GLY A 24 16.69 -10.12 17.88
CA GLY A 24 15.29 -10.22 18.25
C GLY A 24 14.36 -9.91 17.08
N PHE A 25 14.73 -8.91 16.27
CA PHE A 25 13.92 -8.59 15.09
C PHE A 25 13.94 -9.73 14.08
N ALA A 26 15.09 -10.39 13.91
CA ALA A 26 15.18 -11.50 12.96
C ALA A 26 14.30 -12.67 13.38
N ASP A 27 14.22 -12.95 14.68
CA ASP A 27 13.39 -14.05 15.14
C ASP A 27 11.91 -13.70 15.02
N GLU A 28 11.53 -12.46 15.33
CA GLU A 28 10.16 -12.02 15.09
C GLU A 28 9.82 -12.13 13.61
N TYR A 29 10.74 -11.73 12.74
CA TYR A 29 10.48 -11.80 11.31
C TYR A 29 10.38 -13.24 10.83
N GLN A 30 11.21 -14.12 11.40
CA GLN A 30 11.10 -15.54 11.07
C GLN A 30 9.74 -16.10 11.46
N GLN A 31 9.22 -15.67 12.61
CA GLN A 31 7.89 -16.12 13.03
C GLN A 31 6.81 -15.55 12.12
N LEU A 32 6.97 -14.29 11.71
CA LEU A 32 5.99 -13.66 10.82
C LEU A 32 5.97 -14.34 9.45
N SER A 33 7.12 -14.83 9.00
CA SER A 33 7.21 -15.46 7.68
C SER A 33 6.44 -16.78 7.60
N LEU A 34 6.00 -17.33 8.73
CA LEU A 34 5.22 -18.57 8.74
C LEU A 34 3.72 -18.35 8.54
N VAL A 35 3.27 -17.10 8.49
CA VAL A 35 1.86 -16.76 8.65
C VAL A 35 1.15 -16.79 7.30
N GLY A 36 0.00 -17.48 7.26
CA GLY A 36 -0.99 -17.29 6.20
C GLY A 36 -0.86 -18.16 4.97
N HIS A 37 0.05 -19.13 4.94
CA HIS A 37 0.34 -19.85 3.71
C HIS A 37 -0.70 -20.91 3.36
N SER A 38 -1.52 -21.33 4.32
CA SER A 38 -2.54 -22.35 4.04
C SER A 38 -3.87 -21.74 3.60
N GLN A 39 -3.83 -20.70 2.78
CA GLN A 39 -5.01 -20.04 2.27
C GLN A 39 -4.98 -20.08 0.75
N SER A 40 -6.17 -20.20 0.14
CA SER A 40 -6.26 -20.41 -1.29
C SER A 40 -6.01 -19.13 -2.06
N GLN A 41 -5.39 -19.28 -3.22
CA GLN A 41 -5.15 -18.21 -4.18
C GLN A 41 -5.67 -18.63 -5.55
N MET A 42 -6.84 -19.28 -5.55
CA MET A 42 -7.32 -19.95 -6.74
C MET A 42 -7.76 -18.97 -7.82
N VAL A 43 -8.36 -17.84 -7.42
CA VAL A 43 -8.78 -16.85 -8.42
C VAL A 43 -7.56 -16.23 -9.09
N ALA A 44 -6.59 -15.80 -8.29
CA ALA A 44 -5.38 -15.19 -8.86
C ALA A 44 -4.63 -16.16 -9.74
N SER A 45 -4.70 -17.46 -9.44
CA SER A 45 -3.97 -18.49 -10.16
C SER A 45 -4.71 -18.98 -11.40
N ALA A 46 -5.94 -18.53 -11.63
CA ALA A 46 -6.72 -19.00 -12.76
C ALA A 46 -6.04 -18.65 -14.07
N SER A 47 -6.18 -19.54 -15.06
CA SER A 47 -5.55 -19.33 -16.35
C SER A 47 -6.05 -18.05 -17.02
N GLU A 48 -7.31 -17.68 -16.78
CA GLU A 48 -7.85 -16.45 -17.36
C GLU A 48 -7.11 -15.22 -16.86
N ASN A 49 -6.45 -15.32 -15.71
CA ASN A 49 -5.83 -14.17 -15.07
C ASN A 49 -4.30 -14.24 -15.11
N ASN A 50 -3.76 -15.07 -16.01
CA ASN A 50 -2.31 -15.28 -16.08
C ASN A 50 -1.57 -13.99 -16.33
N ALA A 51 -2.05 -13.16 -17.26
CA ALA A 51 -1.36 -11.96 -17.66
C ALA A 51 -1.64 -10.77 -16.76
N LYS A 52 -2.36 -10.97 -15.66
CA LYS A 52 -2.76 -9.87 -14.79
C LYS A 52 -1.91 -9.76 -13.53
N ASN A 53 -0.93 -10.63 -13.34
CA ASN A 53 -0.07 -10.62 -12.17
C ASN A 53 1.35 -10.26 -12.58
N ARG A 54 1.90 -9.23 -11.95
CA ARG A 54 3.25 -8.78 -12.29
C ARG A 54 4.29 -9.82 -11.88
N TYR A 55 4.08 -10.46 -10.73
CA TYR A 55 4.99 -11.46 -10.22
C TYR A 55 4.18 -12.71 -9.92
N ARG A 56 4.56 -13.84 -10.55
CA ARG A 56 3.79 -15.06 -10.39
C ARG A 56 3.66 -15.48 -8.93
N ASN A 57 4.70 -15.21 -8.13
CA ASN A 57 4.76 -15.69 -6.75
C ASN A 57 4.30 -14.64 -5.75
N VAL A 58 3.57 -13.62 -6.18
CA VAL A 58 3.00 -12.61 -5.29
C VAL A 58 1.54 -12.45 -5.70
N LEU A 59 0.66 -13.25 -5.10
CA LEU A 59 -0.74 -13.28 -5.48
C LEU A 59 -1.62 -13.01 -4.26
N PRO A 60 -2.77 -12.34 -4.47
CA PRO A 60 -3.69 -12.14 -3.36
C PRO A 60 -4.37 -13.44 -2.93
N TYR A 61 -4.72 -13.50 -1.65
CA TYR A 61 -5.56 -14.59 -1.16
C TYR A 61 -7.00 -14.37 -1.57
N ASP A 62 -7.73 -15.47 -1.78
CA ASP A 62 -9.11 -15.38 -2.25
C ASP A 62 -9.99 -14.61 -1.27
N TRP A 63 -9.82 -14.85 0.03
CA TRP A 63 -10.77 -14.33 1.01
C TRP A 63 -10.71 -12.82 1.13
N SER A 64 -9.54 -12.22 0.89
CA SER A 64 -9.36 -10.79 1.10
C SER A 64 -9.09 -10.02 -0.18
N ARG A 65 -9.10 -10.68 -1.34
CA ARG A 65 -8.91 -9.96 -2.59
C ARG A 65 -10.04 -8.97 -2.80
N VAL A 66 -9.73 -7.88 -3.51
CA VAL A 66 -10.73 -6.87 -3.85
C VAL A 66 -11.32 -7.28 -5.20
N PRO A 67 -12.57 -7.73 -5.25
CA PRO A 67 -13.18 -8.06 -6.54
C PRO A 67 -13.60 -6.80 -7.30
N LEU A 68 -13.51 -6.90 -8.62
CA LEU A 68 -14.10 -5.93 -9.52
C LEU A 68 -15.48 -6.42 -9.94
N LYS A 69 -16.35 -5.49 -10.28
CA LYS A 69 -17.66 -5.88 -10.79
C LYS A 69 -17.47 -6.70 -12.06
N PRO A 70 -18.15 -7.83 -12.20
CA PRO A 70 -17.94 -8.66 -13.39
C PRO A 70 -18.54 -7.98 -14.63
N ILE A 71 -17.83 -8.13 -15.74
CA ILE A 71 -18.31 -7.68 -17.04
C ILE A 71 -18.94 -8.86 -17.76
N HIS A 72 -20.13 -8.65 -18.31
CA HIS A 72 -20.89 -9.72 -18.95
C HIS A 72 -20.06 -10.42 -20.02
N GLU A 73 -20.06 -11.76 -19.95
CA GLU A 73 -19.28 -12.64 -20.82
C GLU A 73 -17.83 -12.15 -20.92
N GLU A 74 -17.18 -12.13 -19.77
CA GLU A 74 -15.73 -11.96 -19.68
C GLU A 74 -15.26 -12.65 -18.41
N PRO A 75 -14.86 -13.91 -18.52
CA PRO A 75 -14.37 -14.64 -17.33
C PRO A 75 -13.10 -14.00 -16.80
N GLY A 76 -13.00 -13.91 -15.49
CA GLY A 76 -11.87 -13.27 -14.86
C GLY A 76 -11.94 -11.76 -14.84
N SER A 77 -13.00 -11.15 -15.38
CA SER A 77 -13.12 -9.70 -15.36
C SER A 77 -13.34 -9.14 -13.96
N ASP A 78 -13.58 -10.00 -12.97
CA ASP A 78 -13.72 -9.56 -11.59
C ASP A 78 -12.40 -9.55 -10.85
N TYR A 79 -11.28 -9.83 -11.50
CA TYR A 79 -10.00 -10.03 -10.82
C TYR A 79 -9.06 -8.86 -11.05
N ILE A 80 -8.46 -8.39 -9.96
CA ILE A 80 -7.29 -7.53 -9.99
C ILE A 80 -6.38 -7.97 -8.84
N ASN A 81 -5.07 -7.88 -9.06
CA ASN A 81 -4.13 -8.21 -8.00
C ASN A 81 -4.16 -7.11 -6.95
N ALA A 82 -5.04 -7.25 -5.97
CA ALA A 82 -5.27 -6.26 -4.93
C ALA A 82 -5.94 -6.95 -3.75
N SER A 83 -5.63 -6.47 -2.55
CA SER A 83 -6.16 -7.05 -1.32
C SER A 83 -6.65 -5.98 -0.37
N PHE A 84 -7.74 -6.28 0.33
CA PHE A 84 -8.16 -5.48 1.47
C PHE A 84 -7.17 -5.69 2.61
N MET A 85 -6.73 -4.60 3.22
CA MET A 85 -5.74 -4.66 4.27
C MET A 85 -6.30 -4.09 5.57
N PRO A 86 -6.03 -4.74 6.70
CA PRO A 86 -6.53 -4.21 7.98
C PRO A 86 -5.84 -2.91 8.35
N GLY A 87 -6.52 -2.14 9.19
CA GLY A 87 -6.02 -0.90 9.73
C GLY A 87 -6.26 -0.82 11.22
N LEU A 88 -6.46 0.41 11.70
CA LEU A 88 -6.71 0.60 13.12
C LEU A 88 -8.14 0.21 13.48
N TRP A 89 -9.11 0.52 12.61
CA TRP A 89 -10.52 0.35 12.92
C TRP A 89 -11.22 -0.72 12.11
N SER A 90 -10.68 -1.11 10.96
CA SER A 90 -11.40 -1.91 9.99
C SER A 90 -10.46 -2.91 9.32
N PRO A 91 -10.95 -4.10 8.98
CA PRO A 91 -10.16 -5.01 8.14
C PRO A 91 -10.09 -4.58 6.68
N GLN A 92 -10.84 -3.54 6.28
CA GLN A 92 -10.82 -2.99 4.94
C GLN A 92 -10.32 -1.55 4.95
N GLU A 93 -9.45 -1.21 5.88
CA GLU A 93 -9.07 0.19 6.03
C GLU A 93 -8.22 0.67 4.85
N PHE A 94 -7.43 -0.22 4.26
CA PHE A 94 -6.58 0.10 3.11
C PHE A 94 -6.80 -0.94 2.03
N ILE A 95 -6.33 -0.62 0.83
CA ILE A 95 -6.17 -1.60 -0.24
C ILE A 95 -4.71 -1.57 -0.66
N ALA A 96 -4.10 -2.76 -0.71
CA ALA A 96 -2.74 -2.93 -1.23
C ALA A 96 -2.84 -3.58 -2.60
N THR A 97 -2.13 -3.02 -3.57
CA THR A 97 -2.19 -3.56 -4.92
C THR A 97 -0.83 -3.47 -5.57
N GLN A 98 -0.63 -4.30 -6.59
CA GLN A 98 0.61 -4.25 -7.35
C GLN A 98 0.67 -2.99 -8.22
N GLY A 99 1.86 -2.70 -8.70
CA GLY A 99 2.03 -1.67 -9.71
C GLY A 99 1.39 -2.13 -11.01
N PRO A 100 0.48 -1.33 -11.56
CA PRO A 100 -0.27 -1.78 -12.74
C PRO A 100 0.64 -2.15 -13.90
N LEU A 101 0.26 -3.20 -14.62
CA LEU A 101 0.83 -3.63 -15.88
C LEU A 101 0.16 -2.88 -17.02
N PRO A 102 0.79 -2.83 -18.20
CA PRO A 102 0.11 -2.20 -19.34
C PRO A 102 -1.30 -2.74 -19.56
N GLN A 103 -1.48 -4.05 -19.40
CA GLN A 103 -2.77 -4.69 -19.64
C GLN A 103 -3.72 -4.61 -18.44
N THR A 104 -3.30 -4.05 -17.30
CA THR A 104 -4.20 -3.90 -16.16
C THR A 104 -4.38 -2.45 -15.72
N VAL A 105 -3.89 -1.48 -16.50
CA VAL A 105 -4.10 -0.08 -16.14
C VAL A 105 -5.59 0.25 -16.12
N GLY A 106 -6.34 -0.31 -17.07
CA GLY A 106 -7.78 -0.10 -17.07
C GLY A 106 -8.46 -0.71 -15.86
N ASP A 107 -8.04 -1.93 -15.49
CA ASP A 107 -8.58 -2.56 -14.28
C ASP A 107 -8.25 -1.74 -13.04
N PHE A 108 -7.05 -1.16 -12.99
CA PHE A 108 -6.65 -0.34 -11.86
C PHE A 108 -7.58 0.84 -11.67
N TRP A 109 -7.85 1.58 -12.76
CA TRP A 109 -8.74 2.73 -12.62
C TRP A 109 -10.16 2.30 -12.32
N ARG A 110 -10.58 1.13 -12.80
CA ARG A 110 -11.89 0.61 -12.42
C ARG A 110 -11.92 0.27 -10.93
N LEU A 111 -10.82 -0.23 -10.39
CA LEU A 111 -10.73 -0.44 -8.95
C LEU A 111 -10.90 0.87 -8.20
N VAL A 112 -10.20 1.92 -8.62
CA VAL A 112 -10.34 3.23 -8.01
C VAL A 112 -11.79 3.70 -8.08
N TRP A 113 -12.43 3.54 -9.24
CA TRP A 113 -13.79 4.03 -9.39
C TRP A 113 -14.76 3.26 -8.50
N GLU A 114 -14.70 1.92 -8.55
CA GLU A 114 -15.69 1.13 -7.84
C GLU A 114 -15.55 1.28 -6.33
N GLN A 115 -14.33 1.46 -5.84
CA GLN A 115 -14.14 1.72 -4.41
C GLN A 115 -14.36 3.18 -4.03
N GLN A 116 -14.44 4.08 -5.01
CA GLN A 116 -14.57 5.52 -4.76
C GLN A 116 -13.45 6.00 -3.83
N SER A 117 -12.23 5.58 -4.13
CA SER A 117 -11.07 5.92 -3.32
CA SER A 117 -11.07 5.92 -3.32
C SER A 117 -10.53 7.28 -3.74
N HIS A 118 -10.48 8.22 -2.79
CA HIS A 118 -9.99 9.56 -3.05
C HIS A 118 -8.48 9.69 -2.94
N THR A 119 -7.78 8.64 -2.52
CA THR A 119 -6.35 8.77 -2.23
C THR A 119 -5.61 7.57 -2.79
N LEU A 120 -4.56 7.85 -3.57
CA LEU A 120 -3.60 6.85 -4.01
C LEU A 120 -2.25 7.15 -3.38
N VAL A 121 -1.55 6.11 -2.96
CA VAL A 121 -0.20 6.23 -2.44
C VAL A 121 0.70 5.33 -3.28
N MET A 122 1.65 5.94 -3.99
CA MET A 122 2.60 5.24 -4.85
C MET A 122 3.98 5.29 -4.20
N LEU A 123 4.56 4.13 -3.93
CA LEU A 123 5.82 4.06 -3.20
C LEU A 123 6.97 3.56 -4.06
N THR A 124 6.75 3.38 -5.35
CA THR A 124 7.79 2.95 -6.27
C THR A 124 7.97 3.98 -7.37
N ASN A 125 9.12 3.93 -8.02
CA ASN A 125 9.28 4.60 -9.30
C ASN A 125 8.90 3.64 -10.43
N CYS A 126 8.55 4.20 -11.58
CA CYS A 126 8.13 3.36 -12.70
C CYS A 126 9.28 2.49 -13.19
N MET A 127 10.50 3.00 -13.12
CA MET A 127 11.69 2.27 -13.51
C MET A 127 12.76 2.57 -12.48
N GLU A 128 13.49 1.54 -12.05
CA GLU A 128 14.52 1.69 -11.05
C GLU A 128 15.79 1.03 -11.57
N ALA A 129 16.85 1.83 -11.76
CA ALA A 129 18.13 1.35 -12.26
C ALA A 129 17.95 0.56 -13.56
N GLY A 130 17.10 1.07 -14.43
CA GLY A 130 16.85 0.45 -15.72
C GLY A 130 15.88 -0.71 -15.72
N ARG A 131 15.32 -1.06 -14.57
CA ARG A 131 14.43 -2.20 -14.45
C ARG A 131 13.00 -1.71 -14.25
N VAL A 132 12.07 -2.26 -15.02
CA VAL A 132 10.67 -1.82 -14.97
C VAL A 132 10.04 -2.28 -13.66
N LYS A 133 9.37 -1.36 -12.97
CA LYS A 133 8.70 -1.63 -11.72
C LYS A 133 7.20 -1.38 -11.75
N CYS A 134 6.72 -0.46 -12.58
CA CYS A 134 5.33 -0.06 -12.57
C CYS A 134 5.04 0.75 -13.82
N GLU A 135 3.85 0.55 -14.39
CA GLU A 135 3.43 1.35 -15.53
C GLU A 135 3.12 2.78 -15.08
N HIS A 136 3.47 3.75 -15.94
CA HIS A 136 3.04 5.13 -15.74
C HIS A 136 1.54 5.20 -16.05
N TYR A 137 0.70 4.90 -15.07
CA TYR A 137 -0.71 4.64 -15.30
C TYR A 137 -1.59 5.89 -15.31
N TRP A 138 -1.06 7.03 -14.91
CA TRP A 138 -1.82 8.28 -14.89
C TRP A 138 -1.49 9.11 -16.11
N PRO A 139 -2.39 10.01 -16.52
CA PRO A 139 -2.16 10.77 -17.75
C PRO A 139 -1.25 11.97 -17.53
N LEU A 140 -0.67 12.44 -18.63
CA LEU A 140 0.00 13.72 -18.62
C LEU A 140 -1.01 14.85 -18.69
N ASP A 141 -0.59 16.05 -18.30
CA ASP A 141 -1.50 17.18 -18.28
C ASP A 141 -1.98 17.56 -19.68
N SER A 142 -1.25 17.15 -20.72
CA SER A 142 -1.59 17.57 -22.08
C SER A 142 -2.76 16.78 -22.66
N GLN A 143 -2.95 15.54 -22.21
CA GLN A 143 -4.01 14.72 -22.80
C GLN A 143 -4.56 13.72 -21.79
N PRO A 144 -5.87 13.76 -21.52
CA PRO A 144 -6.47 12.73 -20.68
C PRO A 144 -6.41 11.37 -21.34
N CYS A 145 -6.50 10.32 -20.52
CA CYS A 145 -6.50 8.96 -21.01
C CYS A 145 -7.83 8.30 -20.66
N THR A 146 -8.23 7.34 -21.48
CA THR A 146 -9.51 6.66 -21.31
C THR A 146 -9.30 5.16 -21.25
N HIS A 147 -10.12 4.52 -20.42
CA HIS A 147 -10.07 3.07 -20.22
C HIS A 147 -11.49 2.61 -19.92
N GLY A 148 -12.00 1.69 -20.75
CA GLY A 148 -13.35 1.20 -20.56
C GLY A 148 -14.38 2.30 -20.63
N HIS A 149 -15.00 2.63 -19.50
CA HIS A 149 -15.97 3.72 -19.39
C HIS A 149 -15.42 4.92 -18.64
N LEU A 150 -14.11 4.97 -18.39
CA LEU A 150 -13.50 5.97 -17.54
C LEU A 150 -12.59 6.91 -18.33
N ARG A 151 -12.63 8.18 -17.99
CA ARG A 151 -11.66 9.17 -18.43
C ARG A 151 -10.89 9.68 -17.21
N VAL A 152 -9.56 9.66 -17.30
CA VAL A 152 -8.70 10.15 -16.24
C VAL A 152 -8.01 11.41 -16.74
N THR A 153 -8.08 12.48 -15.94
CA THR A 153 -7.46 13.75 -16.28
C THR A 153 -6.51 14.18 -15.16
N LEU A 154 -5.34 14.67 -15.55
CA LEU A 154 -4.40 15.25 -14.60
C LEU A 154 -4.71 16.73 -14.43
N VAL A 155 -5.02 17.13 -13.20
CA VAL A 155 -5.51 18.46 -12.92
C VAL A 155 -4.40 19.33 -12.35
N GLY A 156 -3.52 18.72 -11.55
CA GLY A 156 -2.44 19.47 -10.93
C GLY A 156 -1.33 18.55 -10.48
N GLU A 157 -0.16 19.14 -10.26
CA GLU A 157 1.03 18.38 -9.88
C GLU A 157 2.01 19.30 -9.17
N GLU A 158 2.38 18.95 -7.94
CA GLU A 158 3.40 19.69 -7.19
C GLU A 158 4.56 18.74 -6.90
N VAL A 159 5.76 19.13 -7.32
CA VAL A 159 6.95 18.31 -7.20
C VAL A 159 7.80 18.83 -6.05
N MET A 160 8.11 17.94 -5.11
CA MET A 160 9.03 18.23 -4.01
C MET A 160 10.30 17.39 -4.17
N GLU A 161 11.17 17.47 -3.16
CA GLU A 161 12.50 16.88 -3.28
C GLU A 161 12.45 15.36 -3.35
N ASN A 162 11.60 14.74 -2.53
CA ASN A 162 11.54 13.28 -2.43
C ASN A 162 10.18 12.71 -2.81
N TRP A 163 9.20 13.54 -3.15
CA TRP A 163 7.89 13.03 -3.52
C TRP A 163 7.22 14.03 -4.45
N THR A 164 6.12 13.57 -5.05
CA THR A 164 5.28 14.38 -5.90
C THR A 164 3.82 14.10 -5.55
N VAL A 165 3.02 15.15 -5.48
CA VAL A 165 1.59 15.03 -5.25
C VAL A 165 0.86 15.42 -6.53
N ARG A 166 -0.01 14.54 -7.01
CA ARG A 166 -0.75 14.78 -8.24
C ARG A 166 -2.24 14.76 -7.96
N GLU A 167 -2.96 15.68 -8.60
CA GLU A 167 -4.40 15.82 -8.47
C GLU A 167 -5.04 15.30 -9.75
N LEU A 168 -5.94 14.33 -9.62
CA LEU A 168 -6.53 13.67 -10.77
C LEU A 168 -8.05 13.74 -10.69
N LEU A 169 -8.68 13.71 -11.85
CA LEU A 169 -10.14 13.72 -11.97
C LEU A 169 -10.55 12.48 -12.76
N LEU A 170 -11.33 11.61 -12.13
CA LEU A 170 -11.78 10.35 -12.72
C LEU A 170 -13.27 10.47 -13.01
N LEU A 171 -13.62 10.45 -14.30
CA LEU A 171 -15.00 10.60 -14.75
C LEU A 171 -15.49 9.26 -15.28
N GLN A 172 -16.56 8.75 -14.68
CA GLN A 172 -17.27 7.59 -15.22
C GLN A 172 -18.32 8.12 -16.20
N VAL A 173 -18.10 7.85 -17.49
CA VAL A 173 -18.88 8.52 -18.53
C VAL A 173 -20.31 8.00 -18.56
N GLU A 174 -20.54 6.74 -18.23
CA GLU A 174 -21.89 6.19 -18.25
C GLU A 174 -22.74 6.71 -17.09
N GLU A 175 -22.11 7.15 -16.02
CA GLU A 175 -22.81 7.65 -14.85
C GLU A 175 -22.81 9.18 -14.76
N GLN A 176 -21.97 9.86 -15.54
CA GLN A 176 -21.81 11.30 -15.46
C GLN A 176 -21.47 11.73 -14.03
N LYS A 177 -20.61 10.96 -13.38
CA LYS A 177 -20.16 11.25 -12.03
C LYS A 177 -18.64 11.28 -12.02
N THR A 178 -18.07 12.21 -11.26
CA THR A 178 -16.63 12.39 -11.19
C THR A 178 -16.11 12.00 -9.81
N LEU A 179 -14.86 11.59 -9.77
CA LEU A 179 -14.16 11.30 -8.52
C LEU A 179 -12.84 12.06 -8.53
N SER A 180 -12.64 12.89 -7.52
CA SER A 180 -11.35 13.55 -7.34
C SER A 180 -10.41 12.62 -6.60
N VAL A 181 -9.23 12.40 -7.17
CA VAL A 181 -8.25 11.48 -6.60
C VAL A 181 -6.95 12.24 -6.42
N ARG A 182 -6.34 12.13 -5.25
CA ARG A 182 -5.05 12.73 -4.96
C ARG A 182 -4.03 11.62 -4.82
N GLN A 183 -2.94 11.71 -5.58
CA GLN A 183 -1.91 10.68 -5.63
C GLN A 183 -0.66 11.19 -4.92
N PHE A 184 -0.25 10.50 -3.88
CA PHE A 184 0.96 10.82 -3.14
C PHE A 184 2.04 9.84 -3.57
N HIS A 185 3.03 10.34 -4.30
CA HIS A 185 4.06 9.50 -4.95
C HIS A 185 5.40 9.72 -4.27
N TYR A 186 5.80 8.77 -3.44
CA TYR A 186 7.12 8.82 -2.82
C TYR A 186 8.15 8.24 -3.78
N GLN A 187 9.19 9.03 -4.09
CA GLN A 187 10.06 8.74 -5.22
C GLN A 187 11.49 8.40 -4.81
N ALA A 188 11.72 8.05 -3.55
CA ALA A 188 13.08 7.79 -3.06
C ALA A 188 13.11 6.58 -2.15
N TRP A 189 12.36 5.54 -2.51
CA TRP A 189 12.30 4.31 -1.72
C TRP A 189 12.62 3.13 -2.63
N PRO A 190 13.84 2.60 -2.58
CA PRO A 190 14.23 1.52 -3.49
C PRO A 190 13.49 0.23 -3.18
N ASP A 191 13.18 -0.52 -4.24
CA ASP A 191 12.57 -1.83 -4.08
C ASP A 191 13.45 -2.74 -3.23
N HIS A 192 12.81 -3.45 -2.30
CA HIS A 192 13.48 -4.36 -1.37
C HIS A 192 14.44 -3.61 -0.45
N GLY A 193 14.29 -2.29 -0.36
CA GLY A 193 15.17 -1.48 0.46
C GLY A 193 14.42 -0.55 1.40
N VAL A 194 15.10 0.47 1.91
CA VAL A 194 14.50 1.42 2.85
C VAL A 194 14.81 2.83 2.39
N PRO A 195 14.01 3.80 2.81
CA PRO A 195 14.37 5.21 2.54
C PRO A 195 15.68 5.58 3.21
N SER A 196 16.23 6.71 2.76
CA SER A 196 17.55 7.14 3.22
C SER A 196 17.58 7.39 4.72
N SER A 197 16.47 7.81 5.31
CA SER A 197 16.41 8.07 6.74
C SER A 197 14.95 8.04 7.18
N PRO A 198 14.70 7.76 8.46
CA PRO A 198 13.30 7.81 8.94
C PRO A 198 12.69 9.19 8.83
N ASP A 199 13.50 10.25 8.83
CA ASP A 199 12.97 11.61 8.87
C ASP A 199 12.20 11.95 7.60
N THR A 200 12.70 11.52 6.44
CA THR A 200 12.03 11.87 5.18
C THR A 200 10.75 11.07 4.99
N LEU A 201 10.72 9.81 5.42
CA LEU A 201 9.47 9.05 5.34
C LEU A 201 8.44 9.59 6.32
N LEU A 202 8.87 10.00 7.52
CA LEU A 202 7.95 10.56 8.47
C LEU A 202 7.35 11.87 7.96
N ALA A 203 8.15 12.67 7.26
CA ALA A 203 7.64 13.90 6.68
C ALA A 203 6.60 13.61 5.61
N PHE A 204 6.85 12.59 4.77
CA PHE A 204 5.86 12.18 3.79
C PHE A 204 4.60 11.66 4.46
N TRP A 205 4.76 10.85 5.52
CA TRP A 205 3.60 10.32 6.23
C TRP A 205 2.78 11.43 6.86
N ARG A 206 3.44 12.40 7.50
CA ARG A 206 2.71 13.51 8.12
C ARG A 206 1.84 14.23 7.10
N MET A 207 2.38 14.48 5.90
CA MET A 207 1.60 15.09 4.83
C MET A 207 0.42 14.22 4.42
N LEU A 208 0.66 12.92 4.25
CA LEU A 208 -0.40 12.01 3.83
C LEU A 208 -1.49 11.92 4.89
N ARG A 209 -1.11 11.79 6.16
CA ARG A 209 -2.10 11.64 7.22
C ARG A 209 -2.88 12.95 7.42
N GLN A 210 -2.21 14.09 7.27
CA GLN A 210 -2.91 15.37 7.34
C GLN A 210 -3.99 15.46 6.26
N TRP A 211 -3.70 14.94 5.06
CA TRP A 211 -4.71 14.88 4.01
C TRP A 211 -5.83 13.92 4.36
N LEU A 212 -5.47 12.71 4.83
CA LEU A 212 -6.47 11.69 5.10
C LEU A 212 -7.40 12.11 6.24
N ASP A 213 -6.89 12.86 7.21
CA ASP A 213 -7.73 13.34 8.31
C ASP A 213 -8.72 14.39 7.87
N GLN A 214 -8.61 14.88 6.64
CA GLN A 214 -9.59 15.78 6.06
C GLN A 214 -10.39 15.13 4.92
N THR A 215 -9.95 13.98 4.42
CA THR A 215 -10.58 13.28 3.31
C THR A 215 -10.93 11.87 3.76
N MET A 216 -12.09 11.73 4.41
CA MET A 216 -12.55 10.43 4.88
C MET A 216 -13.80 9.95 4.16
N GLU A 217 -14.31 10.71 3.20
CA GLU A 217 -15.39 10.23 2.35
C GLU A 217 -14.85 9.19 1.37
N GLY A 218 -15.72 8.26 1.00
CA GLY A 218 -15.35 7.26 0.01
C GLY A 218 -14.63 6.07 0.60
N GLY A 219 -14.01 5.31 -0.30
CA GLY A 219 -13.43 4.03 0.04
C GLY A 219 -12.01 4.11 0.57
N PRO A 220 -11.40 2.94 0.74
CA PRO A 220 -10.08 2.89 1.39
C PRO A 220 -9.02 3.50 0.50
N PRO A 221 -8.02 4.16 1.08
CA PRO A 221 -6.86 4.58 0.28
C PRO A 221 -6.21 3.37 -0.38
N ILE A 222 -5.79 3.53 -1.62
CA ILE A 222 -5.15 2.47 -2.38
C ILE A 222 -3.65 2.72 -2.36
N VAL A 223 -2.90 1.81 -1.75
CA VAL A 223 -1.46 1.90 -1.59
C VAL A 223 -0.81 0.87 -2.50
N HIS A 224 0.22 1.28 -3.24
CA HIS A 224 0.84 0.32 -4.13
C HIS A 224 2.32 0.64 -4.30
N SER A 225 3.07 -0.39 -4.68
CA SER A 225 4.47 -0.27 -5.04
C SER A 225 4.67 -1.00 -6.36
N SER A 226 5.66 -1.90 -6.44
CA SER A 226 5.75 -2.75 -7.61
C SER A 226 5.02 -4.07 -7.40
N ALA A 227 5.36 -4.78 -6.32
CA ALA A 227 4.64 -5.99 -5.97
C ALA A 227 3.45 -5.72 -5.07
N GLY A 228 3.40 -4.55 -4.44
CA GLY A 228 2.34 -4.25 -3.50
C GLY A 228 2.44 -4.99 -2.19
N VAL A 229 3.65 -5.30 -1.74
CA VAL A 229 3.80 -6.00 -0.46
C VAL A 229 4.83 -5.34 0.45
N GLY A 230 5.97 -4.92 -0.11
CA GLY A 230 7.09 -4.53 0.72
C GLY A 230 7.06 -3.11 1.21
N ARG A 231 7.31 -2.17 0.29
CA ARG A 231 7.16 -0.77 0.63
C ARG A 231 5.71 -0.44 1.00
N THR A 232 4.75 -1.14 0.38
CA THR A 232 3.34 -0.97 0.70
C THR A 232 3.06 -1.38 2.15
N GLY A 233 3.48 -2.59 2.53
CA GLY A 233 3.23 -3.06 3.89
C GLY A 233 3.92 -2.23 4.94
N THR A 234 5.13 -1.74 4.63
CA THR A 234 5.87 -0.91 5.58
C THR A 234 5.16 0.42 5.83
N LEU A 235 4.65 1.06 4.77
CA LEU A 235 3.97 2.34 4.97
C LEU A 235 2.64 2.16 5.70
N ILE A 236 1.85 1.15 5.31
CA ILE A 236 0.59 0.91 5.99
C ILE A 236 0.82 0.65 7.48
N ALA A 237 1.80 -0.19 7.79
CA ALA A 237 2.12 -0.46 9.19
C ALA A 237 2.53 0.81 9.92
N LEU A 238 3.33 1.66 9.28
CA LEU A 238 3.74 2.90 9.92
C LEU A 238 2.54 3.75 10.29
N ASP A 239 1.60 3.93 9.35
CA ASP A 239 0.45 4.78 9.59
C ASP A 239 -0.46 4.19 10.67
N VAL A 240 -0.69 2.88 10.63
CA VAL A 240 -1.60 2.27 11.59
C VAL A 240 -1.01 2.32 12.99
N LEU A 241 0.27 1.99 13.11
CA LEU A 241 0.89 1.93 14.44
C LEU A 241 1.04 3.31 15.06
N LEU A 242 1.40 4.32 14.25
CA LEU A 242 1.48 5.67 14.78
C LEU A 242 0.12 6.17 15.24
N ARG A 243 -0.94 5.79 14.54
CA ARG A 243 -2.29 6.17 14.97
C ARG A 243 -2.74 5.36 16.17
N GLN A 244 -2.31 4.09 16.25
CA GLN A 244 -2.55 3.31 17.47
C GLN A 244 -1.86 3.95 18.66
N LEU A 245 -0.60 4.36 18.47
CA LEU A 245 0.14 5.08 19.51
C LEU A 245 -0.64 6.28 20.02
N GLN A 246 -1.20 7.07 19.11
CA GLN A 246 -1.83 8.33 19.50
C GLN A 246 -3.24 8.13 20.03
N SER A 247 -3.98 7.15 19.50
CA SER A 247 -5.38 6.95 19.90
C SER A 247 -5.54 5.95 21.03
N GLU A 248 -4.57 5.07 21.25
CA GLU A 248 -4.65 4.08 22.32
C GLU A 248 -3.47 4.09 23.28
N GLY A 249 -2.41 4.86 23.01
CA GLY A 249 -1.24 4.81 23.85
C GLY A 249 -0.52 3.48 23.83
N LEU A 250 -0.77 2.65 22.82
CA LEU A 250 -0.18 1.32 22.70
C LEU A 250 0.34 1.12 21.29
N LEU A 251 1.29 0.18 21.16
CA LEU A 251 1.88 -0.18 19.88
C LEU A 251 1.98 -1.69 19.77
N GLY A 252 1.47 -2.26 18.68
CA GLY A 252 1.57 -3.68 18.45
C GLY A 252 2.06 -4.03 17.05
N PRO A 253 3.35 -3.79 16.79
CA PRO A 253 3.87 -4.03 15.43
C PRO A 253 3.81 -5.48 14.99
N PHE A 254 4.29 -6.41 15.83
CA PHE A 254 4.25 -7.82 15.44
C PHE A 254 2.83 -8.28 15.18
N SER A 255 1.90 -7.89 16.06
CA SER A 255 0.50 -8.28 15.88
C SER A 255 -0.07 -7.72 14.58
N PHE A 256 0.30 -6.47 14.24
CA PHE A 256 -0.30 -5.87 13.06
C PHE A 256 0.25 -6.50 11.78
N VAL A 257 1.57 -6.67 11.69
CA VAL A 257 2.14 -7.29 10.50
C VAL A 257 1.60 -8.71 10.35
N ARG A 258 1.37 -9.40 11.46
CA ARG A 258 0.76 -10.72 11.39
C ARG A 258 -0.62 -10.67 10.75
N LYS A 259 -1.47 -9.74 11.21
CA LYS A 259 -2.78 -9.58 10.57
C LYS A 259 -2.64 -9.24 9.10
N MET A 260 -1.62 -8.45 8.75
CA MET A 260 -1.40 -8.07 7.36
C MET A 260 -1.06 -9.31 6.53
N ARG A 261 -0.22 -10.18 7.08
CA ARG A 261 0.16 -11.40 6.39
C ARG A 261 -1.01 -12.36 6.22
N GLU A 262 -2.02 -12.26 7.08
CA GLU A 262 -3.22 -13.08 6.88
C GLU A 262 -4.01 -12.61 5.66
N SER A 263 -3.89 -11.34 5.31
CA SER A 263 -4.65 -10.79 4.19
C SER A 263 -3.89 -10.79 2.87
N ARG A 264 -2.56 -10.75 2.90
CA ARG A 264 -1.78 -10.67 1.67
C ARG A 264 -0.37 -11.15 1.97
N PRO A 265 0.25 -11.94 1.09
CA PRO A 265 1.60 -12.44 1.37
C PRO A 265 2.63 -11.33 1.42
N LEU A 266 3.70 -11.60 2.17
CA LEU A 266 4.98 -10.88 2.14
C LEU A 266 4.90 -9.43 2.58
N MET A 267 3.81 -8.99 3.23
CA MET A 267 3.74 -7.59 3.64
C MET A 267 4.85 -7.26 4.62
N VAL A 268 5.56 -6.16 4.35
CA VAL A 268 6.87 -5.86 4.94
C VAL A 268 7.81 -6.97 4.50
N GLN A 269 8.48 -6.76 3.37
CA GLN A 269 9.02 -7.84 2.56
C GLN A 269 10.47 -8.20 2.89
N THR A 270 11.18 -7.35 3.64
CA THR A 270 12.51 -7.69 4.10
C THR A 270 12.59 -7.45 5.60
N GLU A 271 13.48 -8.19 6.26
CA GLU A 271 13.75 -7.96 7.68
C GLU A 271 14.22 -6.53 7.91
N ALA A 272 14.97 -5.96 6.96
CA ALA A 272 15.43 -4.59 7.10
C ALA A 272 14.25 -3.61 7.13
N GLN A 273 13.23 -3.86 6.30
CA GLN A 273 12.05 -2.99 6.32
C GLN A 273 11.32 -3.11 7.66
N TYR A 274 11.29 -4.31 8.24
CA TYR A 274 10.66 -4.50 9.54
C TYR A 274 11.40 -3.74 10.63
N VAL A 275 12.73 -3.77 10.60
CA VAL A 275 13.52 -3.00 11.54
C VAL A 275 13.33 -1.50 11.30
N PHE A 276 13.38 -1.10 10.03
CA PHE A 276 13.18 0.31 9.68
C PHE A 276 11.84 0.83 10.20
N LEU A 277 10.79 0.01 10.10
CA LEU A 277 9.49 0.40 10.63
C LEU A 277 9.58 0.78 12.10
N HIS A 278 10.32 0.01 12.88
CA HIS A 278 10.45 0.29 14.31
C HIS A 278 11.27 1.54 14.55
N GLN A 279 12.30 1.78 13.71
CA GLN A 279 13.14 2.95 13.88
C GLN A 279 12.40 4.22 13.52
N CYS A 280 11.42 4.14 12.62
CA CYS A 280 10.60 5.30 12.30
C CYS A 280 9.70 5.67 13.48
N ILE A 281 9.06 4.67 14.09
CA ILE A 281 8.22 4.93 15.24
C ILE A 281 9.06 5.48 16.39
N LEU A 282 10.26 4.94 16.57
CA LEU A 282 11.16 5.45 17.60
C LEU A 282 11.53 6.90 17.33
N ARG A 283 11.77 7.25 16.06
CA ARG A 283 12.09 8.65 15.73
C ARG A 283 10.88 9.54 15.95
N PHE A 284 9.68 9.06 15.65
CA PHE A 284 8.48 9.84 15.92
C PHE A 284 8.32 10.12 17.41
N LEU A 285 8.77 9.21 18.27
CA LEU A 285 8.78 9.48 19.70
C LEU A 285 9.90 10.43 20.09
N GLN A 286 11.09 10.28 19.48
CA GLN A 286 12.17 11.22 19.77
C GLN A 286 11.81 12.62 19.29
N GLN A 287 11.18 12.73 18.12
CA GLN A 287 10.70 14.02 17.65
C GLN A 287 9.58 14.56 18.54
N SER A 288 8.92 13.70 19.30
CA SER A 288 7.89 14.14 20.24
C SER A 288 8.50 14.43 21.61
#